data_7SBG
#
_entry.id   7SBG
#
_cell.length_a   52.325
_cell.length_b   71.450
_cell.length_c   132.518
_cell.angle_alpha   90.000
_cell.angle_beta   90.000
_cell.angle_gamma   90.000
#
_symmetry.space_group_name_H-M   'P 21 21 21'
#
loop_
_entity.id
_entity.type
_entity.pdbx_description
1 polymer 'Fab/IgE Heavy chain'
2 polymer 'Fab/IgE Light chain'
3 polymer Profilin-2
4 branched 2-acetamido-2-deoxy-beta-D-glucopyranose-(1-4)-[alpha-L-fucopyranose-(1-6)]2-acetamido-2-deoxy-beta-D-glucopyranose
#
loop_
_entity_poly.entity_id
_entity_poly.type
_entity_poly.pdbx_seq_one_letter_code
_entity_poly.pdbx_strand_id
1 'polypeptide(L)'
;EVQLVESGGGLVQPKGSLKLSCAASGFTFNTYAMNWVRQAPGKGLEWVARIRTKTNNYVTYYADSVKDRFTISRDDSQSM
LYLQMNNLKTEDTAMYYCVRHVGDYWGQGTSVTVSSASIRNPQLYPLKPCKGTASMTLGCLVKDYFPGPVTVTWYSDSLN
MSTVNFPALGSELKVTTSQVTSWGKSAKNFTCHVTHPPSFNESRTILVR
;
H
2 'polypeptide(L)'
;DIQMTQSPASLSASVGETVTITCRASGNIHNYLAWFQQKQGKSPQLLVYNAKTLADGVPSRFSGSGSGTQYSLKINSLQP
EDFGSYYCQHFWSTPYTFGGGTKLEIKRADAAPTVSIFPPSSEQLTSGGASVVCFLNNFYPKDINVKWKIDGSERQNGVL
NSWTDQDSKDSTYSMSSTLTLTKDEYERHNSYTCEATHKTSTSPIVKSFNRNEC
;
L
3 'polypeptide(L)'
;DDDKMSWQAYVDDHLMCEIEGNHLSAAAIIGQDGSVWAQSANFPQFKSEEITGIMSDFHEPGTLAPTGLYIGGTKYMVIQ
GEPGAVIRGKKGPGGVTVKKTNQALIIGIYDEPMTPGQCNMIVERLGDYLIDQGY
;
C
#
# COMPACT_ATOMS: atom_id res chain seq x y z
N GLU A 1 8.46 -4.49 13.36
CA GLU A 1 9.41 -3.51 13.88
C GLU A 1 9.19 -2.13 13.26
N VAL A 2 9.14 -2.10 11.92
CA VAL A 2 8.89 -0.85 11.20
C VAL A 2 7.39 -0.58 11.16
N GLN A 3 7.02 0.67 11.42
CA GLN A 3 5.61 1.03 11.46
C GLN A 3 5.44 2.47 10.97
N LEU A 4 4.38 2.70 10.20
CA LEU A 4 4.04 4.02 9.69
C LEU A 4 2.60 4.32 10.09
N VAL A 5 2.41 5.42 10.83
CA VAL A 5 1.10 5.79 11.37
C VAL A 5 0.70 7.16 10.84
N GLU A 6 -0.57 7.28 10.44
CA GLU A 6 -1.11 8.53 9.92
C GLU A 6 -2.26 9.01 10.78
N SER A 7 -2.50 10.31 10.75
CA SER A 7 -3.58 10.93 11.50
C SER A 7 -3.98 12.22 10.79
N GLY A 8 -5.01 12.88 11.32
CA GLY A 8 -5.42 14.18 10.83
C GLY A 8 -6.49 14.17 9.76
N GLY A 9 -6.98 12.99 9.36
CA GLY A 9 -8.06 12.95 8.39
C GLY A 9 -9.39 13.36 8.99
N GLY A 10 -10.39 13.48 8.13
CA GLY A 10 -11.70 13.85 8.63
C GLY A 10 -12.57 14.43 7.52
N LEU A 11 -13.56 15.20 7.95
CA LEU A 11 -14.51 15.85 7.05
C LEU A 11 -14.18 17.33 6.98
N VAL A 12 -14.02 17.84 5.75
CA VAL A 12 -13.65 19.23 5.53
C VAL A 12 -14.69 19.88 4.63
N GLN A 13 -15.03 21.13 4.95
CA GLN A 13 -15.89 21.90 4.08
C GLN A 13 -15.11 22.42 2.88
N PRO A 14 -15.73 22.50 1.71
CA PRO A 14 -15.02 23.00 0.52
C PRO A 14 -14.49 24.41 0.74
N LYS A 15 -13.47 24.76 -0.05
CA LYS A 15 -12.70 25.98 0.16
C LYS A 15 -12.08 25.99 1.56
N GLY A 16 -11.84 24.79 2.10
CA GLY A 16 -11.17 24.61 3.37
C GLY A 16 -9.79 24.03 3.16
N SER A 17 -9.10 23.83 4.27
CA SER A 17 -7.72 23.40 4.21
C SER A 17 -7.51 22.25 5.20
N LEU A 18 -6.41 21.52 5.02
CA LEU A 18 -6.15 20.33 5.83
C LEU A 18 -4.66 19.99 5.82
N LYS A 19 -4.17 19.49 6.95
CA LYS A 19 -2.78 19.08 7.10
C LYS A 19 -2.74 17.66 7.65
N LEU A 20 -2.32 16.70 6.83
CA LEU A 20 -2.20 15.31 7.25
C LEU A 20 -0.81 15.04 7.81
N SER A 21 -0.69 13.95 8.54
CA SER A 21 0.55 13.62 9.24
C SER A 21 0.89 12.15 9.04
N CYS A 22 2.19 11.85 9.17
CA CYS A 22 2.70 10.49 9.03
C CYS A 22 3.84 10.32 10.04
N ALA A 23 3.62 9.48 11.05
CA ALA A 23 4.60 9.22 12.10
C ALA A 23 5.43 8.00 11.75
N ALA A 24 6.76 8.17 11.74
CA ALA A 24 7.68 7.13 11.34
C ALA A 24 8.27 6.44 12.56
N SER A 25 8.36 5.12 12.50
CA SER A 25 8.93 4.32 13.58
C SER A 25 9.45 3.02 13.00
N GLY A 26 10.68 2.67 13.35
CA GLY A 26 11.29 1.44 12.91
C GLY A 26 12.32 1.57 11.82
N PHE A 27 12.66 2.80 11.41
CA PHE A 27 13.66 3.01 10.37
C PHE A 27 14.21 4.42 10.52
N THR A 28 15.27 4.70 9.76
CA THR A 28 15.92 6.01 9.79
C THR A 28 15.20 6.92 8.80
N PHE A 29 14.42 7.88 9.33
CA PHE A 29 13.67 8.80 8.48
C PHE A 29 14.59 9.66 7.61
N ASN A 30 15.80 9.94 8.09
CA ASN A 30 16.68 10.87 7.38
C ASN A 30 17.27 10.28 6.11
N THR A 31 17.34 8.95 6.00
CA THR A 31 17.94 8.31 4.84
C THR A 31 16.93 7.88 3.79
N TYR A 32 15.63 7.99 4.07
CA TYR A 32 14.58 7.51 3.18
C TYR A 32 13.73 8.69 2.73
N ALA A 33 13.47 8.77 1.42
CA ALA A 33 12.51 9.75 0.91
C ALA A 33 11.10 9.19 1.04
N MET A 34 10.14 10.06 1.35
CA MET A 34 8.79 9.66 1.67
C MET A 34 7.81 10.23 0.66
N ASN A 35 6.79 9.45 0.32
CA ASN A 35 5.76 9.84 -0.62
C ASN A 35 4.40 9.91 0.07
N TRP A 36 3.45 10.54 -0.61
CA TRP A 36 2.05 10.51 -0.26
C TRP A 36 1.30 9.96 -1.45
N VAL A 37 0.37 9.04 -1.20
CA VAL A 37 -0.40 8.39 -2.27
C VAL A 37 -1.86 8.37 -1.86
N ARG A 38 -2.75 8.71 -2.80
CA ARG A 38 -4.17 8.81 -2.52
C ARG A 38 -4.94 7.80 -3.37
N GLN A 39 -5.90 7.14 -2.72
CA GLN A 39 -6.83 6.23 -3.38
C GLN A 39 -8.24 6.80 -3.20
N ALA A 40 -8.88 7.14 -4.32
CA ALA A 40 -10.25 7.60 -4.26
C ALA A 40 -11.13 6.52 -3.60
N PRO A 41 -12.25 6.90 -2.98
CA PRO A 41 -13.04 5.92 -2.21
C PRO A 41 -13.34 4.64 -3.00
N GLY A 42 -13.81 4.78 -4.23
CA GLY A 42 -14.08 3.63 -5.07
C GLY A 42 -13.05 3.44 -6.17
N LYS A 43 -12.43 4.54 -6.62
CA LYS A 43 -11.46 4.46 -7.69
C LYS A 43 -10.09 4.04 -7.16
N GLY A 44 -9.15 3.89 -8.09
CA GLY A 44 -7.86 3.32 -7.79
C GLY A 44 -6.88 4.32 -7.20
N LEU A 45 -5.63 3.88 -7.08
CA LEU A 45 -4.59 4.66 -6.44
C LEU A 45 -4.01 5.71 -7.37
N GLU A 46 -3.51 6.79 -6.77
CA GLU A 46 -2.94 7.93 -7.49
C GLU A 46 -1.81 8.49 -6.64
N TRP A 47 -0.78 9.00 -7.32
CA TRP A 47 0.41 9.51 -6.63
C TRP A 47 0.29 11.03 -6.55
N VAL A 48 0.34 11.57 -5.34
CA VAL A 48 0.05 12.98 -5.13
C VAL A 48 1.28 13.81 -4.78
N ALA A 49 2.27 13.24 -4.10
CA ALA A 49 3.41 14.04 -3.67
C ALA A 49 4.61 13.17 -3.38
N ARG A 50 5.77 13.81 -3.28
CA ARG A 50 7.02 13.18 -2.91
C ARG A 50 8.01 14.25 -2.44
N ILE A 51 8.74 13.94 -1.37
CA ILE A 51 9.81 14.79 -0.88
C ILE A 51 11.08 13.94 -0.78
N ARG A 52 12.22 14.54 -1.12
CA ARG A 52 13.48 13.83 -1.13
C ARG A 52 14.24 14.07 0.17
N THR A 53 15.45 13.52 0.24
CA THR A 53 16.25 13.57 1.45
C THR A 53 17.10 14.85 1.50
N LYS A 54 17.77 15.03 2.64
CA LYS A 54 18.62 16.21 2.82
C LYS A 54 19.80 16.19 1.83
N THR A 55 20.34 15.01 1.55
CA THR A 55 21.42 14.90 0.56
C THR A 55 21.00 15.48 -0.78
N ASN A 56 19.71 15.41 -1.11
CA ASN A 56 19.18 15.95 -2.36
C ASN A 56 18.41 17.24 -2.15
N ASN A 57 18.70 17.95 -1.07
CA ASN A 57 18.19 19.30 -0.82
C ASN A 57 16.67 19.35 -0.63
N TYR A 58 16.07 18.23 -0.20
CA TYR A 58 14.65 18.20 0.18
C TYR A 58 13.75 18.69 -0.94
N VAL A 59 14.06 18.29 -2.18
CA VAL A 59 13.27 18.70 -3.32
C VAL A 59 11.87 18.09 -3.21
N THR A 60 10.85 18.94 -3.36
CA THR A 60 9.46 18.51 -3.25
C THR A 60 8.84 18.39 -4.63
N TYR A 61 8.29 17.21 -4.93
CA TYR A 61 7.64 16.94 -6.20
C TYR A 61 6.14 16.74 -5.96
N TYR A 62 5.32 17.43 -6.75
CA TYR A 62 3.87 17.36 -6.62
C TYR A 62 3.23 16.93 -7.94
N ALA A 63 2.03 16.36 -7.84
CA ALA A 63 1.26 16.00 -9.01
C ALA A 63 0.45 17.20 -9.52
N ASP A 64 -0.05 17.07 -10.75
CA ASP A 64 -0.65 18.22 -11.43
C ASP A 64 -1.92 18.70 -10.73
N SER A 65 -2.80 17.76 -10.36
CA SER A 65 -4.07 18.15 -9.74
C SER A 65 -3.86 18.89 -8.43
N VAL A 66 -2.79 18.57 -7.70
CA VAL A 66 -2.51 19.16 -6.40
C VAL A 66 -1.33 20.11 -6.44
N LYS A 67 -0.81 20.40 -7.64
CA LYS A 67 0.45 21.14 -7.75
C LYS A 67 0.33 22.53 -7.13
N ASP A 68 -0.73 23.25 -7.46
CA ASP A 68 -0.92 24.61 -6.96
C ASP A 68 -1.72 24.66 -5.67
N ARG A 69 -2.01 23.51 -5.05
CA ARG A 69 -2.89 23.51 -3.89
C ARG A 69 -2.28 22.81 -2.68
N PHE A 70 -1.38 21.85 -2.90
CA PHE A 70 -0.84 21.03 -1.82
C PHE A 70 0.57 21.47 -1.47
N THR A 71 1.03 21.00 -0.31
CA THR A 71 2.37 21.33 0.20
C THR A 71 2.84 20.22 1.12
N ILE A 72 4.03 19.70 0.85
CA ILE A 72 4.62 18.62 1.64
C ILE A 72 5.84 19.14 2.38
N SER A 73 6.07 18.62 3.59
CA SER A 73 7.18 19.05 4.42
C SER A 73 7.44 17.99 5.47
N ARG A 74 8.70 17.91 5.93
CA ARG A 74 9.12 16.89 6.86
C ARG A 74 9.99 17.51 7.95
N ASP A 75 9.89 16.94 9.15
CA ASP A 75 10.77 17.28 10.27
C ASP A 75 11.45 15.99 10.71
N ASP A 76 12.68 15.78 10.25
CA ASP A 76 13.40 14.57 10.59
C ASP A 76 13.79 14.54 12.06
N SER A 77 13.83 15.70 12.73
CA SER A 77 14.14 15.72 14.15
C SER A 77 13.08 14.97 14.96
N GLN A 78 11.81 15.24 14.66
CA GLN A 78 10.70 14.57 15.33
C GLN A 78 10.19 13.35 14.57
N SER A 79 10.84 12.99 13.46
CA SER A 79 10.52 11.80 12.68
C SER A 79 9.06 11.78 12.23
N MET A 80 8.64 12.88 11.58
CA MET A 80 7.29 13.01 11.07
C MET A 80 7.33 13.56 9.65
N LEU A 81 6.27 13.26 8.90
CA LEU A 81 6.08 13.75 7.54
C LEU A 81 4.66 14.27 7.39
N TYR A 82 4.51 15.48 6.88
CA TYR A 82 3.22 16.14 6.78
C TYR A 82 2.85 16.43 5.33
N LEU A 83 1.56 16.69 5.12
CA LEU A 83 1.04 17.14 3.84
C LEU A 83 -0.05 18.15 4.10
N GLN A 84 0.10 19.35 3.54
CA GLN A 84 -0.85 20.45 3.71
C GLN A 84 -1.74 20.53 2.47
N MET A 85 -3.04 20.35 2.67
CA MET A 85 -4.02 20.32 1.59
C MET A 85 -4.89 21.57 1.68
N ASN A 86 -4.72 22.48 0.73
CA ASN A 86 -5.46 23.74 0.69
C ASN A 86 -6.41 23.76 -0.49
N ASN A 87 -7.41 24.65 -0.42
CA ASN A 87 -8.44 24.78 -1.45
C ASN A 87 -9.06 23.43 -1.78
N LEU A 88 -9.61 22.80 -0.74
CA LEU A 88 -10.14 21.46 -0.87
C LEU A 88 -11.37 21.44 -1.78
N LYS A 89 -11.40 20.47 -2.68
CA LYS A 89 -12.49 20.28 -3.62
C LYS A 89 -13.07 18.89 -3.46
N THR A 90 -14.23 18.67 -4.09
CA THR A 90 -14.92 17.39 -3.95
C THR A 90 -14.08 16.24 -4.52
N GLU A 91 -13.34 16.49 -5.60
CA GLU A 91 -12.54 15.44 -6.21
C GLU A 91 -11.39 14.99 -5.31
N ASP A 92 -10.90 15.89 -4.44
CA ASP A 92 -9.79 15.52 -3.55
C ASP A 92 -10.19 14.46 -2.54
N THR A 93 -11.48 14.20 -2.36
CA THR A 93 -11.94 13.19 -1.41
C THR A 93 -11.38 11.83 -1.78
N ALA A 94 -10.50 11.29 -0.94
CA ALA A 94 -9.81 10.04 -1.24
C ALA A 94 -9.15 9.53 0.04
N MET A 95 -8.59 8.34 -0.06
CA MET A 95 -7.87 7.69 1.05
C MET A 95 -6.38 7.93 0.86
N TYR A 96 -5.72 8.44 1.90
CA TYR A 96 -4.35 8.91 1.81
C TYR A 96 -3.41 8.05 2.64
N TYR A 97 -2.34 7.58 2.00
CA TYR A 97 -1.29 6.80 2.64
C TYR A 97 0.02 7.58 2.56
N CYS A 98 0.94 7.28 3.47
CA CYS A 98 2.31 7.78 3.38
C CYS A 98 3.23 6.62 3.05
N VAL A 99 3.96 6.73 1.94
CA VAL A 99 4.67 5.62 1.33
C VAL A 99 6.16 5.92 1.29
N ARG A 100 6.96 4.93 1.66
CA ARG A 100 8.41 5.06 1.72
C ARG A 100 9.02 4.57 0.40
N HIS A 101 9.46 5.51 -0.44
CA HIS A 101 10.22 5.22 -1.66
C HIS A 101 9.37 4.34 -2.58
N VAL A 102 9.86 3.19 -3.02
CA VAL A 102 9.14 2.34 -3.97
C VAL A 102 7.82 1.86 -3.40
N GLY A 103 7.69 1.78 -2.08
CA GLY A 103 6.50 1.23 -1.47
C GLY A 103 6.76 -0.08 -0.77
N ASP A 104 7.96 -0.23 -0.21
CA ASP A 104 8.25 -1.42 0.58
C ASP A 104 7.36 -1.49 1.82
N TYR A 105 7.15 -0.34 2.48
CA TYR A 105 6.30 -0.29 3.67
C TYR A 105 5.32 0.87 3.53
N TRP A 106 4.05 0.58 3.74
CA TRP A 106 2.96 1.54 3.61
C TRP A 106 2.37 1.86 4.97
N GLY A 107 1.39 2.76 4.99
CA GLY A 107 0.63 3.09 6.16
C GLY A 107 -0.80 2.57 6.07
N GLN A 108 -1.49 2.62 7.22
CA GLN A 108 -2.86 2.12 7.29
C GLN A 108 -3.79 2.98 6.45
N GLY A 109 -3.81 4.28 6.71
CA GLY A 109 -4.56 5.22 5.88
C GLY A 109 -5.33 6.22 6.71
N THR A 110 -5.66 7.35 6.07
CA THR A 110 -6.55 8.37 6.60
C THR A 110 -7.31 8.97 5.43
N SER A 111 -8.61 9.15 5.58
CA SER A 111 -9.45 9.60 4.49
C SER A 111 -9.93 11.03 4.73
N VAL A 112 -10.13 11.74 3.62
CA VAL A 112 -10.65 13.10 3.63
C VAL A 112 -11.95 13.09 2.84
N THR A 113 -13.02 13.55 3.48
CA THR A 113 -14.31 13.71 2.82
C THR A 113 -14.63 15.20 2.75
N VAL A 114 -14.68 15.73 1.53
CA VAL A 114 -14.95 17.15 1.32
C VAL A 114 -16.46 17.27 1.10
N SER A 115 -17.19 17.41 2.20
CA SER A 115 -18.64 17.54 2.15
C SER A 115 -19.08 18.62 3.13
N SER A 116 -20.30 19.10 2.91
CA SER A 116 -20.86 20.19 3.69
C SER A 116 -21.56 19.71 4.96
N ALA A 117 -21.50 18.43 5.26
CA ALA A 117 -22.23 17.86 6.40
C ALA A 117 -21.47 18.12 7.69
N SER A 118 -21.98 17.55 8.79
CA SER A 118 -21.37 17.69 10.11
C SER A 118 -21.03 16.31 10.65
N ILE A 119 -19.82 16.17 11.20
CA ILE A 119 -19.34 14.87 11.65
C ILE A 119 -20.17 14.38 12.83
N ARG A 120 -20.47 13.08 12.82
CA ARG A 120 -21.18 12.41 13.92
C ARG A 120 -20.33 11.24 14.38
N ASN A 121 -19.77 11.34 15.58
CA ASN A 121 -18.86 10.32 16.06
C ASN A 121 -19.61 9.01 16.30
N PRO A 122 -18.99 7.87 16.05
CA PRO A 122 -19.70 6.60 16.11
C PRO A 122 -19.99 6.18 17.54
N GLN A 123 -20.72 5.07 17.64
CA GLN A 123 -21.09 4.47 18.92
C GLN A 123 -20.73 2.99 18.86
N LEU A 124 -19.88 2.54 19.78
CA LEU A 124 -19.37 1.17 19.79
C LEU A 124 -20.12 0.36 20.84
N TYR A 125 -20.91 -0.63 20.39
CA TYR A 125 -21.59 -1.55 21.27
C TYR A 125 -20.98 -2.93 21.11
N PRO A 126 -20.48 -3.56 22.17
CA PRO A 126 -19.99 -4.94 22.05
C PRO A 126 -21.14 -5.89 21.78
N LEU A 127 -20.87 -6.94 21.01
CA LEU A 127 -21.88 -7.94 20.74
C LEU A 127 -21.33 -9.33 21.07
N LYS A 128 -21.97 -9.99 22.02
CA LYS A 128 -21.59 -11.30 22.53
C LYS A 128 -22.80 -12.22 22.49
N PRO A 129 -22.58 -13.53 22.43
CA PRO A 129 -23.71 -14.46 22.34
C PRO A 129 -24.49 -14.57 23.65
N CYS A 130 -25.74 -15.01 23.52
CA CYS A 130 -26.64 -15.12 24.66
C CYS A 130 -26.22 -16.24 25.60
N THR A 137 -16.62 -17.08 18.75
CA THR A 137 -16.58 -15.86 17.94
C THR A 137 -17.32 -14.72 18.61
N LEU A 138 -16.75 -13.51 18.52
CA LEU A 138 -17.35 -12.31 19.06
C LEU A 138 -17.32 -11.21 18.00
N GLY A 139 -17.74 -10.01 18.37
CA GLY A 139 -17.74 -8.92 17.41
C GLY A 139 -18.01 -7.60 18.07
N CYS A 140 -17.92 -6.54 17.27
CA CYS A 140 -18.14 -5.17 17.72
C CYS A 140 -19.03 -4.47 16.71
N LEU A 141 -20.04 -3.77 17.20
CA LEU A 141 -21.00 -3.05 16.37
C LEU A 141 -20.74 -1.55 16.47
N VAL A 142 -20.61 -0.89 15.32
CA VAL A 142 -20.29 0.53 15.23
C VAL A 142 -21.39 1.18 14.41
N LYS A 143 -22.18 2.04 15.04
CA LYS A 143 -23.42 2.53 14.46
C LYS A 143 -23.40 4.04 14.28
N ASP A 144 -24.05 4.47 13.21
CA ASP A 144 -24.53 5.86 13.03
C ASP A 144 -23.39 6.87 13.04
N TYR A 145 -22.35 6.60 12.26
CA TYR A 145 -21.24 7.53 12.13
C TYR A 145 -21.26 8.19 10.76
N PHE A 146 -20.61 9.36 10.69
CA PHE A 146 -20.41 10.08 9.46
C PHE A 146 -19.19 10.97 9.64
N PRO A 147 -18.29 11.03 8.65
CA PRO A 147 -18.26 10.18 7.47
C PRO A 147 -17.30 9.01 7.64
N GLY A 148 -17.13 8.22 6.59
CA GLY A 148 -16.21 7.12 6.63
C GLY A 148 -14.77 7.58 6.50
N PRO A 149 -13.84 6.68 6.82
CA PRO A 149 -14.08 5.31 7.28
C PRO A 149 -13.91 5.17 8.79
N VAL A 150 -14.09 3.96 9.30
CA VAL A 150 -13.79 3.63 10.69
C VAL A 150 -12.80 2.47 10.70
N THR A 151 -11.66 2.68 11.35
CA THR A 151 -10.62 1.66 11.45
C THR A 151 -10.83 0.90 12.74
N VAL A 152 -11.32 -0.33 12.63
CA VAL A 152 -11.58 -1.19 13.79
C VAL A 152 -10.46 -2.21 13.88
N THR A 153 -9.75 -2.23 15.01
CA THR A 153 -8.64 -3.15 15.21
C THR A 153 -8.87 -3.95 16.49
N TRP A 154 -8.54 -5.25 16.43
CA TRP A 154 -8.76 -6.18 17.52
C TRP A 154 -7.46 -6.45 18.25
N TYR A 155 -7.38 -5.96 19.48
CA TYR A 155 -6.25 -6.23 20.37
C TYR A 155 -6.68 -7.35 21.32
N SER A 156 -6.03 -8.50 21.21
CA SER A 156 -6.47 -9.69 21.94
C SER A 156 -5.29 -10.38 22.61
N ASP A 157 -5.62 -11.20 23.62
CA ASP A 157 -4.64 -11.96 24.38
C ASP A 157 -4.55 -13.41 23.91
N SER A 158 -5.14 -13.74 22.76
CA SER A 158 -5.16 -15.11 22.27
C SER A 158 -4.34 -15.23 20.99
N LEU A 159 -3.76 -16.40 20.80
CA LEU A 159 -3.15 -16.74 19.52
C LEU A 159 -4.24 -17.10 18.51
N ASN A 160 -3.92 -16.90 17.24
CA ASN A 160 -4.81 -17.24 16.12
C ASN A 160 -6.11 -16.43 16.17
N MET A 161 -5.99 -15.14 16.47
CA MET A 161 -7.12 -14.23 16.41
C MET A 161 -7.35 -13.77 14.97
N SER A 162 -8.58 -13.90 14.50
CA SER A 162 -8.94 -13.53 13.13
C SER A 162 -9.85 -12.31 13.16
N THR A 163 -9.54 -11.31 12.34
CA THR A 163 -10.27 -10.05 12.30
C THR A 163 -10.85 -9.85 10.90
N VAL A 164 -12.17 -9.92 10.79
CA VAL A 164 -12.88 -9.65 9.54
C VAL A 164 -13.67 -8.37 9.70
N ASN A 165 -13.47 -7.43 8.79
CA ASN A 165 -14.14 -6.13 8.81
C ASN A 165 -15.14 -6.05 7.67
N PHE A 166 -16.34 -5.57 7.98
CA PHE A 166 -17.40 -5.51 6.97
C PHE A 166 -17.58 -4.08 6.45
N PRO A 167 -17.79 -3.93 5.15
CA PRO A 167 -17.96 -2.60 4.59
C PRO A 167 -19.15 -1.86 5.20
N ALA A 168 -19.08 -0.53 5.14
CA ALA A 168 -20.10 0.30 5.74
C ALA A 168 -21.40 0.23 4.95
N LEU A 169 -22.52 0.18 5.65
CA LEU A 169 -23.84 0.18 5.05
C LEU A 169 -24.49 1.54 5.26
N GLY A 170 -25.08 2.09 4.20
CA GLY A 170 -25.69 3.41 4.27
C GLY A 170 -24.71 4.52 3.95
N SER A 171 -25.19 5.56 3.27
CA SER A 171 -24.35 6.67 2.86
C SER A 171 -24.57 7.92 3.71
N GLU A 172 -25.82 8.32 3.91
CA GLU A 172 -26.10 9.50 4.74
C GLU A 172 -25.61 9.28 6.17
N LEU A 173 -25.95 8.14 6.75
CA LEU A 173 -25.43 7.72 8.04
C LEU A 173 -24.90 6.30 7.87
N LYS A 174 -23.92 5.93 8.69
CA LYS A 174 -23.17 4.71 8.45
C LYS A 174 -23.18 3.79 9.67
N VAL A 175 -23.39 2.50 9.42
CA VAL A 175 -23.21 1.45 10.42
C VAL A 175 -22.26 0.43 9.82
N THR A 176 -21.49 -0.21 10.69
CA THR A 176 -20.56 -1.25 10.25
C THR A 176 -20.40 -2.28 11.37
N THR A 177 -19.91 -3.46 10.98
CA THR A 177 -19.72 -4.56 11.91
C THR A 177 -18.31 -5.11 11.76
N SER A 178 -17.90 -5.90 12.75
CA SER A 178 -16.60 -6.55 12.75
C SER A 178 -16.70 -7.81 13.60
N GLN A 179 -15.96 -8.84 13.20
CA GLN A 179 -16.00 -10.13 13.84
C GLN A 179 -14.59 -10.57 14.21
N VAL A 180 -14.47 -11.24 15.36
CA VAL A 180 -13.23 -11.89 15.77
C VAL A 180 -13.53 -13.37 15.97
N THR A 181 -12.76 -14.22 15.29
CA THR A 181 -12.97 -15.66 15.29
C THR A 181 -11.72 -16.34 15.84
N SER A 182 -11.85 -17.00 16.98
CA SER A 182 -10.75 -17.69 17.64
C SER A 182 -11.12 -19.16 17.81
N TRP A 183 -10.24 -20.05 17.37
CA TRP A 183 -10.46 -21.49 17.42
C TRP A 183 -9.45 -22.12 18.38
N GLY A 184 -9.96 -22.81 19.39
CA GLY A 184 -9.13 -23.54 20.33
C GLY A 184 -8.05 -22.73 21.02
N LYS A 185 -8.41 -21.55 21.51
CA LYS A 185 -7.46 -20.71 22.23
C LYS A 185 -8.04 -20.33 23.59
N SER A 186 -7.23 -20.45 24.63
CA SER A 186 -7.64 -20.11 25.99
C SER A 186 -7.14 -18.70 26.31
N ALA A 187 -8.06 -17.74 26.34
CA ALA A 187 -7.74 -16.37 26.67
C ALA A 187 -9.02 -15.64 27.05
N LYS A 188 -8.87 -14.47 27.68
CA LYS A 188 -9.99 -13.73 28.22
C LYS A 188 -10.19 -12.36 27.60
N ASN A 189 -9.13 -11.66 27.21
CA ASN A 189 -9.21 -10.28 26.73
C ASN A 189 -9.39 -10.28 25.21
N PHE A 190 -10.58 -9.89 24.77
CA PHE A 190 -10.88 -9.61 23.37
C PHE A 190 -11.33 -8.15 23.31
N THR A 191 -10.50 -7.29 22.71
CA THR A 191 -10.71 -5.85 22.76
C THR A 191 -10.72 -5.28 21.35
N CYS A 192 -11.73 -4.46 21.04
CA CYS A 192 -11.83 -3.78 19.75
C CYS A 192 -11.63 -2.29 19.96
N HIS A 193 -10.82 -1.68 19.10
CA HIS A 193 -10.51 -0.25 19.14
C HIS A 193 -10.88 0.36 17.80
N VAL A 194 -11.89 1.22 17.80
CA VAL A 194 -12.39 1.84 16.58
C VAL A 194 -11.92 3.28 16.54
N THR A 195 -11.36 3.68 15.40
CA THR A 195 -10.88 5.05 15.20
C THR A 195 -11.61 5.69 14.04
N HIS A 196 -12.19 6.85 14.29
CA HIS A 196 -12.81 7.77 13.34
C HIS A 196 -11.78 8.81 12.93
N PRO A 197 -11.85 9.32 11.70
CA PRO A 197 -10.73 10.11 11.14
C PRO A 197 -10.29 11.26 12.03
N PRO A 198 -11.21 12.11 12.52
CA PRO A 198 -10.66 13.28 13.25
C PRO A 198 -10.31 13.00 14.70
N SER A 199 -9.24 12.22 14.90
CA SER A 199 -8.63 12.00 16.22
C SER A 199 -9.65 11.47 17.23
N PHE A 200 -10.40 10.45 16.83
CA PHE A 200 -11.39 9.80 17.68
C PHE A 200 -10.94 8.39 18.03
N ASN A 201 -10.90 8.09 19.32
CA ASN A 201 -10.49 6.77 19.81
C ASN A 201 -11.46 6.31 20.88
N GLU A 202 -12.00 5.11 20.70
CA GLU A 202 -12.92 4.53 21.67
C GLU A 202 -12.64 3.03 21.76
N SER A 203 -12.93 2.46 22.93
CA SER A 203 -12.60 1.07 23.20
C SER A 203 -13.77 0.35 23.84
N ARG A 204 -13.92 -0.92 23.49
CA ARG A 204 -14.84 -1.84 24.15
C ARG A 204 -14.11 -3.15 24.41
N THR A 205 -14.52 -3.86 25.45
CA THR A 205 -13.89 -5.12 25.84
C THR A 205 -14.96 -6.17 26.11
N ILE A 206 -14.65 -7.42 25.77
CA ILE A 206 -15.54 -8.56 25.98
C ILE A 206 -14.72 -9.62 26.71
N LEU A 207 -14.86 -9.69 28.04
CA LEU A 207 -14.16 -10.68 28.83
C LEU A 207 -14.94 -11.99 28.83
N VAL A 208 -14.25 -13.09 28.61
CA VAL A 208 -14.86 -14.42 28.54
C VAL A 208 -14.88 -15.03 29.93
N ARG A 209 -16.01 -15.65 30.29
CA ARG A 209 -16.17 -16.25 31.60
C ARG A 209 -15.61 -17.67 31.66
N ASP B 1 5.20 13.16 -18.80
CA ASP B 1 4.58 12.36 -17.75
C ASP B 1 4.27 10.96 -18.26
N ILE B 2 5.07 9.98 -17.83
CA ILE B 2 4.89 8.60 -18.25
C ILE B 2 3.62 8.05 -17.58
N GLN B 3 2.57 7.88 -18.36
CA GLN B 3 1.32 7.31 -17.88
C GLN B 3 1.29 5.82 -18.23
N MET B 4 0.71 5.02 -17.33
CA MET B 4 0.72 3.57 -17.47
C MET B 4 -0.68 3.02 -17.65
N THR B 5 -0.82 2.10 -18.60
CA THR B 5 -2.06 1.43 -18.91
C THR B 5 -2.00 0.00 -18.39
N GLN B 6 -2.99 -0.40 -17.61
CA GLN B 6 -2.97 -1.69 -16.95
C GLN B 6 -4.15 -2.53 -17.40
N SER B 7 -3.89 -3.82 -17.57
CA SER B 7 -4.87 -4.77 -18.07
C SER B 7 -4.34 -6.17 -17.81
N PRO B 8 -5.22 -7.17 -17.70
CA PRO B 8 -6.69 -7.15 -17.70
C PRO B 8 -7.28 -6.34 -16.54
N ALA B 9 -8.37 -5.62 -16.82
CA ALA B 9 -9.00 -4.81 -15.78
C ALA B 9 -9.72 -5.67 -14.74
N SER B 10 -10.27 -6.80 -15.16
CA SER B 10 -10.91 -7.75 -14.25
C SER B 10 -10.57 -9.16 -14.70
N LEU B 11 -10.02 -9.96 -13.79
CA LEU B 11 -9.60 -11.32 -14.11
C LEU B 11 -10.28 -12.30 -13.16
N SER B 12 -10.74 -13.42 -13.72
CA SER B 12 -11.35 -14.49 -12.95
C SER B 12 -10.71 -15.81 -13.38
N ALA B 13 -10.20 -16.57 -12.40
CA ALA B 13 -9.57 -17.84 -12.69
C ALA B 13 -9.77 -18.78 -11.51
N SER B 14 -9.61 -20.08 -11.77
CA SER B 14 -9.70 -21.08 -10.72
C SER B 14 -8.36 -21.21 -10.02
N VAL B 15 -8.36 -21.97 -8.91
CA VAL B 15 -7.14 -22.19 -8.15
C VAL B 15 -6.19 -23.06 -8.97
N GLY B 16 -4.98 -22.56 -9.20
CA GLY B 16 -3.96 -23.30 -9.91
C GLY B 16 -3.69 -22.81 -11.32
N GLU B 17 -4.56 -21.98 -11.88
CA GLU B 17 -4.38 -21.49 -13.23
C GLU B 17 -3.29 -20.41 -13.27
N THR B 18 -2.77 -20.18 -14.47
CA THR B 18 -1.76 -19.15 -14.70
C THR B 18 -2.44 -17.89 -15.21
N VAL B 19 -2.14 -16.76 -14.58
CA VAL B 19 -2.70 -15.47 -14.96
C VAL B 19 -1.60 -14.43 -15.03
N THR B 20 -1.70 -13.52 -15.99
CA THR B 20 -0.69 -12.50 -16.22
C THR B 20 -1.36 -11.13 -16.29
N ILE B 21 -0.92 -10.21 -15.44
CA ILE B 21 -1.35 -8.82 -15.49
C ILE B 21 -0.24 -8.03 -16.17
N THR B 22 -0.56 -7.41 -17.30
CA THR B 22 0.42 -6.66 -18.06
C THR B 22 0.25 -5.16 -17.83
N CYS B 23 1.39 -4.48 -17.69
CA CYS B 23 1.43 -3.04 -17.47
C CYS B 23 2.30 -2.39 -18.54
N ARG B 24 1.74 -1.40 -19.22
CA ARG B 24 2.45 -0.71 -20.30
C ARG B 24 2.59 0.75 -19.92
N ALA B 25 3.57 1.43 -20.53
CA ALA B 25 3.92 2.78 -20.14
C ALA B 25 3.93 3.70 -21.36
N SER B 26 3.83 5.00 -21.09
CA SER B 26 3.92 6.00 -22.15
C SER B 26 5.34 6.09 -22.72
N GLY B 27 6.34 5.86 -21.87
CA GLY B 27 7.72 5.85 -22.31
C GLY B 27 8.52 4.84 -21.52
N ASN B 28 9.78 4.67 -21.92
CA ASN B 28 10.67 3.73 -21.25
C ASN B 28 10.86 4.13 -19.79
N ILE B 29 10.56 3.20 -18.89
CA ILE B 29 10.78 3.41 -17.46
C ILE B 29 11.99 2.65 -16.95
N HIS B 30 12.71 1.94 -17.82
CA HIS B 30 14.02 1.36 -17.52
C HIS B 30 13.97 0.43 -16.30
N ASN B 31 12.98 -0.46 -16.30
CA ASN B 31 12.80 -1.51 -15.29
C ASN B 31 12.53 -0.95 -13.90
N TYR B 32 12.13 0.32 -13.79
CA TYR B 32 11.70 0.88 -12.52
C TYR B 32 10.19 0.72 -12.37
N LEU B 33 9.75 -0.53 -12.22
CA LEU B 33 8.34 -0.83 -12.07
C LEU B 33 8.13 -1.65 -10.80
N ALA B 34 7.04 -1.34 -10.09
CA ALA B 34 6.65 -2.06 -8.88
C ALA B 34 5.26 -2.64 -9.05
N TRP B 35 5.03 -3.81 -8.46
CA TRP B 35 3.72 -4.46 -8.48
C TRP B 35 3.21 -4.56 -7.05
N PHE B 36 1.99 -4.08 -6.83
CA PHE B 36 1.37 -4.07 -5.52
C PHE B 36 0.15 -4.99 -5.49
N GLN B 37 -0.11 -5.56 -4.33
CA GLN B 37 -1.31 -6.35 -4.09
C GLN B 37 -2.06 -5.71 -2.93
N GLN B 38 -3.33 -5.39 -3.16
CA GLN B 38 -4.18 -4.76 -2.15
C GLN B 38 -5.42 -5.61 -1.93
N LYS B 39 -5.44 -6.32 -0.80
CA LYS B 39 -6.68 -6.91 -0.34
C LYS B 39 -7.61 -5.83 0.20
N GLN B 40 -8.91 -6.07 0.07
CA GLN B 40 -9.89 -5.05 0.44
C GLN B 40 -9.79 -4.72 1.93
N GLY B 41 -9.93 -3.43 2.24
CA GLY B 41 -9.83 -2.97 3.61
C GLY B 41 -8.43 -3.07 4.20
N LYS B 42 -7.40 -3.13 3.36
CA LYS B 42 -6.04 -3.28 3.83
C LYS B 42 -5.11 -2.44 2.96
N SER B 43 -3.93 -2.16 3.50
CA SER B 43 -2.93 -1.39 2.77
C SER B 43 -2.36 -2.23 1.63
N PRO B 44 -1.85 -1.58 0.58
CA PRO B 44 -1.19 -2.31 -0.49
C PRO B 44 0.14 -2.89 -0.03
N GLN B 45 0.52 -4.01 -0.64
CA GLN B 45 1.75 -4.71 -0.30
C GLN B 45 2.60 -4.93 -1.56
N LEU B 46 3.91 -4.85 -1.37
CA LEU B 46 4.88 -4.97 -2.46
C LEU B 46 5.11 -6.43 -2.80
N LEU B 47 4.66 -6.86 -3.97
CA LEU B 47 5.06 -8.18 -4.46
C LEU B 47 6.40 -8.10 -5.17
N VAL B 48 6.49 -7.30 -6.23
CA VAL B 48 7.70 -7.27 -7.06
C VAL B 48 8.08 -5.81 -7.29
N TYR B 49 9.35 -5.50 -7.04
CA TYR B 49 9.91 -4.18 -7.30
C TYR B 49 11.10 -4.31 -8.25
N ASN B 50 11.43 -3.20 -8.92
CA ASN B 50 12.47 -3.17 -9.93
C ASN B 50 12.25 -4.24 -10.99
N ALA B 51 11.02 -4.31 -11.49
CA ALA B 51 10.62 -5.19 -12.60
C ALA B 51 10.63 -6.66 -12.23
N LYS B 52 11.74 -7.18 -11.73
CA LYS B 52 11.89 -8.63 -11.54
C LYS B 52 12.27 -9.07 -10.13
N THR B 53 12.74 -8.17 -9.26
CA THR B 53 13.19 -8.54 -7.93
C THR B 53 11.99 -8.62 -6.99
N LEU B 54 11.68 -9.83 -6.52
CA LEU B 54 10.57 -10.00 -5.60
C LEU B 54 10.93 -9.46 -4.22
N ALA B 55 9.92 -8.95 -3.52
CA ALA B 55 10.14 -8.38 -2.20
C ALA B 55 10.29 -9.51 -1.16
N ASP B 56 10.51 -9.11 0.09
CA ASP B 56 10.73 -10.07 1.16
C ASP B 56 9.42 -10.81 1.45
N GLY B 57 9.50 -12.14 1.51
CA GLY B 57 8.32 -12.94 1.79
C GLY B 57 7.26 -12.88 0.72
N VAL B 58 7.67 -12.92 -0.55
CA VAL B 58 6.76 -12.93 -1.68
C VAL B 58 6.82 -14.31 -2.33
N PRO B 59 5.69 -14.96 -2.57
CA PRO B 59 5.71 -16.31 -3.14
C PRO B 59 6.41 -16.35 -4.48
N SER B 60 7.08 -17.46 -4.75
CA SER B 60 7.80 -17.62 -6.00
C SER B 60 6.87 -17.66 -7.20
N ARG B 61 5.58 -17.95 -7.00
CA ARG B 61 4.66 -18.02 -8.13
C ARG B 61 4.46 -16.67 -8.81
N PHE B 62 4.68 -15.57 -8.08
CA PHE B 62 4.61 -14.25 -8.69
C PHE B 62 5.87 -14.01 -9.52
N SER B 63 5.68 -13.67 -10.79
CA SER B 63 6.79 -13.47 -11.72
C SER B 63 6.79 -12.04 -12.21
N GLY B 64 7.97 -11.41 -12.18
CA GLY B 64 8.16 -10.09 -12.78
C GLY B 64 8.98 -10.23 -14.06
N SER B 65 8.56 -9.51 -15.10
CA SER B 65 9.22 -9.61 -16.39
C SER B 65 8.97 -8.35 -17.19
N GLY B 66 9.80 -8.15 -18.21
CA GLY B 66 9.62 -7.07 -19.16
C GLY B 66 10.81 -6.15 -19.24
N SER B 67 10.78 -5.30 -20.26
CA SER B 67 11.76 -4.24 -20.45
C SER B 67 11.11 -3.14 -21.28
N GLY B 68 11.70 -1.95 -21.21
CA GLY B 68 11.22 -0.84 -22.01
C GLY B 68 9.86 -0.35 -21.57
N THR B 69 8.85 -0.49 -22.44
CA THR B 69 7.49 -0.06 -22.14
C THR B 69 6.53 -1.22 -21.88
N GLN B 70 6.95 -2.46 -22.10
CA GLN B 70 6.09 -3.63 -21.97
C GLN B 70 6.52 -4.44 -20.75
N TYR B 71 5.72 -4.39 -19.70
CA TYR B 71 5.97 -5.14 -18.47
C TYR B 71 4.76 -6.02 -18.16
N SER B 72 4.96 -6.94 -17.22
CA SER B 72 3.91 -7.90 -16.88
C SER B 72 4.24 -8.57 -15.55
N LEU B 73 3.20 -9.13 -14.94
CA LEU B 73 3.31 -9.92 -13.72
C LEU B 73 2.56 -11.23 -13.92
N LYS B 74 3.22 -12.35 -13.65
CA LYS B 74 2.64 -13.67 -13.88
C LYS B 74 2.39 -14.36 -12.54
N ILE B 75 1.21 -14.95 -12.41
CA ILE B 75 0.83 -15.71 -11.22
C ILE B 75 0.45 -17.10 -11.69
N ASN B 76 1.43 -18.00 -11.72
CA ASN B 76 1.15 -19.41 -11.99
C ASN B 76 0.73 -20.12 -10.71
N SER B 77 -0.17 -21.09 -10.87
CA SER B 77 -0.71 -21.87 -9.76
C SER B 77 -1.26 -20.94 -8.67
N LEU B 78 -2.21 -20.10 -9.08
CA LEU B 78 -2.77 -19.10 -8.18
C LEU B 78 -3.41 -19.77 -6.96
N GLN B 79 -3.14 -19.22 -5.80
CA GLN B 79 -3.57 -19.74 -4.51
C GLN B 79 -4.71 -18.89 -3.95
N PRO B 80 -5.38 -19.36 -2.90
CA PRO B 80 -6.44 -18.54 -2.29
C PRO B 80 -5.98 -17.17 -1.83
N GLU B 81 -4.74 -17.05 -1.36
CA GLU B 81 -4.24 -15.79 -0.81
C GLU B 81 -3.93 -14.74 -1.87
N ASP B 82 -3.87 -15.12 -3.15
CA ASP B 82 -3.49 -14.20 -4.21
C ASP B 82 -4.67 -13.37 -4.73
N PHE B 83 -5.82 -13.39 -4.06
CA PHE B 83 -6.91 -12.52 -4.42
C PHE B 83 -6.54 -11.07 -4.12
N GLY B 84 -7.15 -10.14 -4.85
CA GLY B 84 -7.03 -8.73 -4.53
C GLY B 84 -6.89 -7.89 -5.77
N SER B 85 -6.48 -6.65 -5.56
CA SER B 85 -6.30 -5.67 -6.63
C SER B 85 -4.81 -5.44 -6.83
N TYR B 86 -4.38 -5.50 -8.09
CA TYR B 86 -2.97 -5.40 -8.44
C TYR B 86 -2.72 -4.10 -9.20
N TYR B 87 -1.78 -3.29 -8.69
CA TYR B 87 -1.44 -2.01 -9.27
C TYR B 87 0.04 -1.98 -9.63
N CYS B 88 0.38 -1.22 -10.66
CA CYS B 88 1.76 -1.03 -11.08
C CYS B 88 2.13 0.45 -11.04
N GLN B 89 3.34 0.75 -10.58
CA GLN B 89 3.84 2.11 -10.45
C GLN B 89 5.25 2.19 -11.03
N HIS B 90 5.52 3.27 -11.77
CA HIS B 90 6.84 3.51 -12.33
C HIS B 90 7.56 4.59 -11.53
N PHE B 91 8.89 4.46 -11.46
CA PHE B 91 9.71 5.38 -10.68
C PHE B 91 10.84 5.98 -11.52
N TRP B 92 10.63 6.12 -12.82
CA TRP B 92 11.65 6.76 -13.65
C TRP B 92 11.61 8.28 -13.52
N SER B 93 10.41 8.86 -13.56
CA SER B 93 10.26 10.30 -13.49
C SER B 93 8.92 10.65 -12.87
N THR B 94 8.92 11.68 -12.04
CA THR B 94 7.66 12.23 -11.55
C THR B 94 6.92 12.87 -12.71
N PRO B 95 5.60 12.64 -12.85
CA PRO B 95 4.71 11.93 -11.92
C PRO B 95 4.83 10.41 -11.94
N TYR B 96 5.29 9.82 -10.85
CA TYR B 96 5.20 8.37 -10.69
C TYR B 96 3.74 7.96 -10.82
N THR B 97 3.44 7.17 -11.85
CA THR B 97 2.05 6.93 -12.23
C THR B 97 1.65 5.49 -11.97
N PHE B 98 0.38 5.31 -11.61
CA PHE B 98 -0.21 4.00 -11.39
C PHE B 98 -0.93 3.52 -12.64
N GLY B 99 -1.48 2.31 -12.56
CA GLY B 99 -2.36 1.78 -13.57
C GLY B 99 -3.80 1.73 -13.08
N GLY B 100 -4.66 1.19 -13.94
CA GLY B 100 -6.06 1.06 -13.58
C GLY B 100 -6.26 0.15 -12.39
N GLY B 101 -5.62 -1.01 -12.41
CA GLY B 101 -5.77 -2.01 -11.39
C GLY B 101 -6.49 -3.24 -11.92
N THR B 102 -6.21 -4.39 -11.30
CA THR B 102 -6.78 -5.66 -11.73
C THR B 102 -7.44 -6.36 -10.54
N LYS B 103 -8.75 -6.57 -10.64
CA LYS B 103 -9.50 -7.29 -9.62
C LYS B 103 -9.46 -8.77 -9.97
N LEU B 104 -8.69 -9.56 -9.21
CA LEU B 104 -8.50 -10.97 -9.47
C LEU B 104 -9.40 -11.78 -8.55
N GLU B 105 -10.47 -12.34 -9.10
CA GLU B 105 -11.39 -13.20 -8.35
C GLU B 105 -10.93 -14.65 -8.52
N ILE B 106 -10.36 -15.22 -7.47
CA ILE B 106 -9.79 -16.55 -7.51
C ILE B 106 -10.88 -17.53 -7.13
N LYS B 107 -11.48 -18.19 -8.12
CA LYS B 107 -12.50 -19.18 -7.85
C LYS B 107 -11.91 -20.37 -7.11
N ARG B 108 -12.69 -20.94 -6.18
CA ARG B 108 -12.20 -22.01 -5.32
C ARG B 108 -13.34 -23.00 -5.09
N ALA B 109 -13.05 -24.02 -4.28
CA ALA B 109 -14.04 -25.03 -3.94
C ALA B 109 -15.13 -24.46 -3.03
N ASP B 110 -16.28 -25.11 -3.03
CA ASP B 110 -17.43 -24.61 -2.30
C ASP B 110 -17.25 -24.81 -0.80
N ALA B 111 -17.31 -23.73 -0.04
CA ALA B 111 -17.23 -23.78 1.41
C ALA B 111 -18.62 -23.68 2.02
N ALA B 112 -18.69 -23.95 3.32
CA ALA B 112 -19.98 -24.00 4.00
C ALA B 112 -20.06 -22.94 5.10
N PRO B 113 -21.18 -22.24 5.20
CA PRO B 113 -21.26 -21.12 6.16
C PRO B 113 -21.28 -21.59 7.60
N THR B 114 -20.82 -20.71 8.48
CA THR B 114 -21.00 -20.84 9.92
C THR B 114 -21.73 -19.59 10.40
N VAL B 115 -23.01 -19.75 10.75
CA VAL B 115 -23.86 -18.63 11.14
C VAL B 115 -23.78 -18.43 12.65
N SER B 116 -23.62 -17.18 13.06
CA SER B 116 -23.56 -16.81 14.47
C SER B 116 -24.48 -15.61 14.70
N ILE B 117 -25.30 -15.68 15.74
CA ILE B 117 -26.25 -14.62 16.07
C ILE B 117 -25.91 -14.07 17.45
N PHE B 118 -26.09 -12.75 17.62
CA PHE B 118 -25.64 -12.06 18.82
C PHE B 118 -26.75 -11.16 19.34
N PRO B 119 -27.21 -11.36 20.58
CA PRO B 119 -28.30 -10.55 21.12
C PRO B 119 -27.91 -9.08 21.17
N PRO B 120 -28.89 -8.18 21.21
CA PRO B 120 -28.59 -6.77 21.43
C PRO B 120 -27.82 -6.56 22.72
N SER B 121 -26.84 -5.66 22.67
CA SER B 121 -25.94 -5.47 23.79
C SER B 121 -26.67 -4.79 24.95
N SER B 122 -26.00 -4.78 26.11
CA SER B 122 -26.53 -4.07 27.26
C SER B 122 -26.41 -2.56 27.08
N GLU B 123 -25.37 -2.11 26.39
CA GLU B 123 -25.23 -0.68 26.11
C GLU B 123 -26.27 -0.21 25.10
N GLN B 124 -26.51 -1.00 24.04
CA GLN B 124 -27.51 -0.60 23.06
C GLN B 124 -28.92 -0.65 23.65
N LEU B 125 -29.22 -1.70 24.42
CA LEU B 125 -30.53 -1.79 25.07
C LEU B 125 -30.77 -0.59 25.97
N THR B 126 -29.78 -0.23 26.79
CA THR B 126 -29.87 0.99 27.59
C THR B 126 -30.13 2.20 26.70
N SER B 127 -29.49 2.24 25.53
CA SER B 127 -29.60 3.39 24.63
C SER B 127 -30.86 3.30 23.80
N GLY B 128 -31.87 2.63 24.35
CA GLY B 128 -33.18 2.57 23.73
C GLY B 128 -33.20 1.97 22.34
N GLY B 129 -32.16 1.23 21.96
CA GLY B 129 -32.13 0.55 20.69
C GLY B 129 -31.75 -0.90 20.84
N ALA B 130 -31.90 -1.66 19.75
CA ALA B 130 -31.59 -3.08 19.76
C ALA B 130 -31.36 -3.56 18.34
N SER B 131 -30.28 -4.30 18.14
CA SER B 131 -29.93 -4.82 16.82
C SER B 131 -29.36 -6.22 17.00
N VAL B 132 -30.10 -7.23 16.54
CA VAL B 132 -29.60 -8.59 16.50
C VAL B 132 -28.70 -8.73 15.27
N VAL B 133 -27.43 -9.05 15.50
CA VAL B 133 -26.46 -9.21 14.41
C VAL B 133 -26.28 -10.70 14.13
N CYS B 134 -26.01 -11.03 12.88
CA CYS B 134 -25.83 -12.42 12.46
C CYS B 134 -24.66 -12.49 11.49
N PHE B 135 -23.58 -13.15 11.89
CA PHE B 135 -22.37 -13.27 11.09
C PHE B 135 -22.36 -14.62 10.41
N LEU B 136 -22.49 -14.63 9.09
CA LEU B 136 -22.33 -15.84 8.29
C LEU B 136 -20.94 -15.77 7.66
N ASN B 137 -20.06 -16.70 8.04
CA ASN B 137 -18.66 -16.65 7.65
C ASN B 137 -18.25 -17.93 6.93
N ASN B 138 -17.12 -17.82 6.22
CA ASN B 138 -16.41 -18.96 5.66
C ASN B 138 -17.27 -19.73 4.65
N PHE B 139 -17.82 -19.01 3.68
CA PHE B 139 -18.67 -19.63 2.67
C PHE B 139 -18.24 -19.19 1.27
N TYR B 140 -18.51 -20.05 0.30
CA TYR B 140 -18.23 -19.83 -1.10
C TYR B 140 -19.19 -20.70 -1.88
N PRO B 141 -19.85 -20.18 -2.93
CA PRO B 141 -19.78 -18.79 -3.41
C PRO B 141 -20.49 -17.79 -2.51
N LYS B 142 -20.46 -16.52 -2.89
CA LYS B 142 -21.08 -15.46 -2.10
C LYS B 142 -22.59 -15.39 -2.28
N ASP B 143 -23.17 -16.22 -3.14
CA ASP B 143 -24.62 -16.23 -3.34
C ASP B 143 -25.28 -16.89 -2.14
N ILE B 144 -25.91 -16.07 -1.29
CA ILE B 144 -26.55 -16.57 -0.08
C ILE B 144 -27.79 -15.72 0.19
N ASN B 145 -28.84 -16.36 0.68
CA ASN B 145 -30.12 -15.71 0.94
C ASN B 145 -30.31 -15.60 2.44
N VAL B 146 -30.08 -14.40 2.98
CA VAL B 146 -30.22 -14.16 4.41
C VAL B 146 -31.61 -13.62 4.68
N LYS B 147 -32.32 -14.26 5.60
CA LYS B 147 -33.63 -13.81 6.04
C LYS B 147 -33.70 -13.90 7.56
N TRP B 148 -34.55 -13.07 8.16
CA TRP B 148 -34.68 -12.99 9.61
C TRP B 148 -36.11 -13.36 10.00
N LYS B 149 -36.24 -14.26 10.97
CA LYS B 149 -37.54 -14.75 11.43
C LYS B 149 -37.71 -14.43 12.92
N ILE B 150 -38.84 -13.79 13.25
CA ILE B 150 -39.16 -13.44 14.62
C ILE B 150 -40.56 -13.95 14.93
N ASP B 151 -40.68 -14.75 15.99
CA ASP B 151 -41.96 -15.31 16.43
C ASP B 151 -42.69 -16.00 15.29
N GLY B 152 -41.92 -16.69 14.44
CA GLY B 152 -42.48 -17.47 13.36
C GLY B 152 -42.69 -16.74 12.05
N SER B 153 -42.69 -15.41 12.05
CA SER B 153 -42.98 -14.65 10.85
C SER B 153 -41.73 -13.91 10.36
N GLU B 154 -41.77 -13.51 9.11
CA GLU B 154 -40.60 -12.94 8.43
C GLU B 154 -40.70 -11.43 8.33
N ARG B 155 -39.62 -10.74 8.65
CA ARG B 155 -39.51 -9.29 8.50
C ARG B 155 -38.16 -9.00 7.84
N GLN B 156 -38.19 -8.29 6.71
CA GLN B 156 -36.99 -7.90 5.98
C GLN B 156 -36.91 -6.39 5.81
N ASN B 157 -37.52 -5.64 6.75
CA ASN B 157 -37.55 -4.19 6.65
C ASN B 157 -36.21 -3.58 7.06
N GLY B 158 -35.81 -3.78 8.31
CA GLY B 158 -34.59 -3.17 8.82
C GLY B 158 -33.36 -4.05 8.68
N VAL B 159 -33.40 -5.02 7.76
CA VAL B 159 -32.27 -5.90 7.54
C VAL B 159 -31.21 -5.17 6.73
N LEU B 160 -30.00 -5.06 7.29
CA LEU B 160 -28.86 -4.44 6.63
C LEU B 160 -27.77 -5.49 6.49
N ASN B 161 -27.50 -5.89 5.24
CA ASN B 161 -26.57 -6.97 4.95
C ASN B 161 -25.41 -6.44 4.13
N SER B 162 -24.19 -6.77 4.55
CA SER B 162 -22.97 -6.34 3.86
C SER B 162 -22.10 -7.55 3.58
N TRP B 163 -21.68 -7.69 2.32
CA TRP B 163 -20.79 -8.75 1.90
C TRP B 163 -19.34 -8.26 1.95
N THR B 164 -18.42 -9.21 2.07
CA THR B 164 -17.00 -8.88 2.20
C THR B 164 -16.19 -9.70 1.21
N ASP B 165 -14.94 -9.29 0.99
CA ASP B 165 -14.05 -10.00 0.10
C ASP B 165 -13.61 -11.32 0.73
N GLN B 166 -12.82 -12.09 -0.03
CA GLN B 166 -12.42 -13.42 0.39
C GLN B 166 -11.36 -13.36 1.48
N ASP B 167 -11.23 -14.44 2.22
CA ASP B 167 -10.22 -14.55 3.26
C ASP B 167 -8.96 -15.17 2.69
N SER B 168 -7.79 -14.68 3.14
CA SER B 168 -6.53 -15.06 2.52
C SER B 168 -6.30 -16.56 2.59
N LYS B 169 -6.63 -17.18 3.72
CA LYS B 169 -6.29 -18.59 3.92
C LYS B 169 -7.05 -19.50 2.96
N ASP B 170 -8.37 -19.32 2.86
CA ASP B 170 -9.21 -20.25 2.12
C ASP B 170 -10.12 -19.57 1.09
N SER B 171 -9.91 -18.29 0.80
CA SER B 171 -10.72 -17.55 -0.16
C SER B 171 -12.20 -17.67 0.18
N THR B 172 -12.52 -17.47 1.45
CA THR B 172 -13.87 -17.63 1.97
C THR B 172 -14.54 -16.28 2.13
N TYR B 173 -15.76 -16.15 1.62
CA TYR B 173 -16.53 -14.92 1.73
C TYR B 173 -17.12 -14.77 3.12
N SER B 174 -17.72 -13.61 3.37
CA SER B 174 -18.31 -13.32 4.67
C SER B 174 -19.40 -12.27 4.49
N MET B 175 -20.46 -12.40 5.28
CA MET B 175 -21.59 -11.49 5.25
C MET B 175 -21.99 -11.13 6.67
N SER B 176 -22.66 -10.00 6.82
CA SER B 176 -23.07 -9.48 8.11
C SER B 176 -24.46 -8.88 7.98
N SER B 177 -25.45 -9.53 8.62
CA SER B 177 -26.84 -9.09 8.58
C SER B 177 -27.19 -8.46 9.92
N THR B 178 -27.48 -7.16 9.89
CA THR B 178 -27.89 -6.42 11.08
C THR B 178 -29.35 -5.98 10.91
N LEU B 179 -30.15 -6.17 11.96
CA LEU B 179 -31.55 -5.80 11.95
C LEU B 179 -31.74 -4.69 12.99
N THR B 180 -31.70 -3.44 12.53
CA THR B 180 -31.85 -2.31 13.43
C THR B 180 -33.30 -2.18 13.90
N LEU B 181 -33.48 -2.02 15.20
CA LEU B 181 -34.82 -1.93 15.77
C LEU B 181 -34.76 -1.12 17.06
N THR B 182 -35.94 -0.67 17.48
CA THR B 182 -36.07 -0.01 18.77
C THR B 182 -36.18 -1.04 19.88
N LYS B 183 -35.85 -0.60 21.10
CA LYS B 183 -35.89 -1.51 22.24
C LYS B 183 -37.31 -1.99 22.50
N ASP B 184 -38.30 -1.13 22.28
CA ASP B 184 -39.69 -1.53 22.47
C ASP B 184 -40.05 -2.71 21.58
N GLU B 185 -39.75 -2.61 20.28
CA GLU B 185 -40.04 -3.70 19.36
C GLU B 185 -39.33 -4.98 19.76
N TYR B 186 -38.05 -4.87 20.16
CA TYR B 186 -37.29 -6.06 20.54
C TYR B 186 -37.82 -6.66 21.85
N GLU B 187 -38.17 -5.81 22.83
CA GLU B 187 -38.73 -6.31 24.07
C GLU B 187 -40.10 -6.92 23.90
N ARG B 188 -40.82 -6.55 22.83
CA ARG B 188 -42.16 -7.09 22.61
C ARG B 188 -42.10 -8.53 22.15
N HIS B 189 -41.26 -8.82 21.16
CA HIS B 189 -41.13 -10.18 20.64
C HIS B 189 -40.09 -10.98 21.42
N ASN B 190 -40.15 -12.30 21.28
CA ASN B 190 -39.37 -13.21 22.11
C ASN B 190 -38.34 -14.02 21.34
N SER B 191 -38.75 -14.70 20.27
CA SER B 191 -37.86 -15.60 19.53
C SER B 191 -37.21 -14.87 18.38
N TYR B 192 -35.88 -14.81 18.39
CA TYR B 192 -35.10 -14.13 17.36
C TYR B 192 -34.18 -15.12 16.68
N THR B 193 -34.46 -15.41 15.41
CA THR B 193 -33.74 -16.41 14.65
C THR B 193 -33.13 -15.80 13.40
N CYS B 194 -32.02 -16.38 12.95
CA CYS B 194 -31.32 -15.98 11.74
C CYS B 194 -31.22 -17.18 10.81
N GLU B 195 -31.73 -17.03 9.58
CA GLU B 195 -31.79 -18.13 8.63
C GLU B 195 -31.15 -17.73 7.31
N ALA B 196 -30.30 -18.62 6.78
CA ALA B 196 -29.69 -18.41 5.47
C ALA B 196 -29.31 -19.76 4.90
N THR B 197 -29.66 -19.99 3.63
CA THR B 197 -29.35 -21.23 2.94
C THR B 197 -28.34 -20.95 1.83
N HIS B 198 -27.33 -21.83 1.72
CA HIS B 198 -26.31 -21.68 0.68
C HIS B 198 -25.62 -23.03 0.49
N LYS B 199 -25.90 -23.68 -0.64
CA LYS B 199 -25.31 -24.98 -0.98
C LYS B 199 -25.37 -25.93 0.21
N THR B 200 -26.47 -25.90 0.94
CA THR B 200 -26.73 -26.81 2.06
C THR B 200 -27.94 -27.67 1.76
N SER B 201 -28.21 -27.89 0.47
CA SER B 201 -29.36 -28.66 -0.01
C SER B 201 -30.66 -28.14 0.61
N THR B 202 -30.83 -26.83 0.54
CA THR B 202 -32.06 -26.20 1.01
C THR B 202 -32.36 -26.53 2.47
N SER B 203 -31.33 -26.96 3.22
CA SER B 203 -31.45 -27.13 4.66
C SER B 203 -30.97 -25.86 5.34
N PRO B 204 -31.87 -24.95 5.74
CA PRO B 204 -31.43 -23.63 6.19
C PRO B 204 -30.62 -23.73 7.48
N ILE B 205 -29.52 -22.99 7.52
CA ILE B 205 -28.72 -22.86 8.73
C ILE B 205 -29.37 -21.78 9.60
N VAL B 206 -29.90 -22.18 10.75
CA VAL B 206 -30.67 -21.30 11.61
C VAL B 206 -29.94 -21.14 12.95
N LYS B 207 -29.90 -19.90 13.44
CA LYS B 207 -29.32 -19.58 14.74
C LYS B 207 -30.29 -18.67 15.48
N SER B 208 -30.86 -19.17 16.58
CA SER B 208 -31.91 -18.47 17.30
C SER B 208 -31.57 -18.37 18.78
N PHE B 209 -32.21 -17.40 19.44
CA PHE B 209 -32.09 -17.22 20.88
C PHE B 209 -33.42 -16.69 21.40
N ASN B 210 -33.51 -16.53 22.73
CA ASN B 210 -34.69 -15.99 23.38
C ASN B 210 -34.29 -14.77 24.21
N ARG B 211 -35.10 -13.72 24.12
CA ARG B 211 -34.83 -12.49 24.85
C ARG B 211 -34.91 -12.71 26.36
N ASP C 2 18.07 -3.90 4.65
CA ASP C 2 17.99 -5.18 3.97
C ASP C 2 17.45 -5.01 2.56
N ASP C 3 18.01 -5.75 1.60
CA ASP C 3 17.63 -5.63 0.20
C ASP C 3 17.71 -7.01 -0.45
N LYS C 4 16.55 -7.54 -0.85
CA LYS C 4 16.53 -8.73 -1.69
C LYS C 4 16.95 -8.43 -3.12
N MET C 5 17.19 -7.16 -3.45
CA MET C 5 17.60 -6.77 -4.79
C MET C 5 19.09 -7.04 -4.96
N SER C 6 19.41 -7.92 -5.90
CA SER C 6 20.81 -8.16 -6.25
C SER C 6 21.39 -6.90 -6.87
N TRP C 7 22.55 -6.47 -6.38
CA TRP C 7 23.23 -5.33 -6.99
C TRP C 7 23.56 -5.60 -8.45
N GLN C 8 23.78 -6.88 -8.81
CA GLN C 8 24.00 -7.23 -10.21
C GLN C 8 22.73 -7.07 -11.03
N ALA C 9 21.55 -7.13 -10.41
CA ALA C 9 20.32 -6.83 -11.11
C ALA C 9 20.20 -5.35 -11.42
N TYR C 10 20.77 -4.50 -10.57
CA TYR C 10 20.76 -3.05 -10.83
C TYR C 10 21.57 -2.71 -12.06
N VAL C 11 22.81 -3.21 -12.13
CA VAL C 11 23.70 -2.81 -13.22
C VAL C 11 23.22 -3.39 -14.55
N ASP C 12 22.61 -4.57 -14.54
CA ASP C 12 22.24 -5.20 -15.80
C ASP C 12 20.92 -4.66 -16.35
N ASP C 13 19.96 -4.36 -15.48
CA ASP C 13 18.63 -3.96 -15.92
C ASP C 13 18.35 -2.46 -15.78
N HIS C 14 19.07 -1.75 -14.92
CA HIS C 14 18.88 -0.31 -14.76
C HIS C 14 19.99 0.54 -15.36
N LEU C 15 21.18 -0.02 -15.57
CA LEU C 15 22.32 0.73 -16.08
C LEU C 15 22.67 0.39 -17.52
N MET C 16 22.69 -0.89 -17.89
CA MET C 16 23.07 -1.32 -19.22
C MET C 16 21.88 -1.46 -20.16
N CYS C 17 20.74 -0.89 -19.82
CA CYS C 17 19.56 -0.99 -20.66
C CYS C 17 19.70 -0.09 -21.89
N GLU C 18 18.86 -0.34 -22.89
CA GLU C 18 18.91 0.40 -24.15
C GLU C 18 18.11 1.69 -24.03
N ILE C 19 18.73 2.80 -24.41
CA ILE C 19 18.08 4.11 -24.44
C ILE C 19 18.38 4.75 -25.79
N GLU C 20 17.33 5.02 -26.57
CA GLU C 20 17.46 5.61 -27.90
C GLU C 20 18.42 4.81 -28.77
N GLY C 21 18.29 3.49 -28.73
CA GLY C 21 19.12 2.62 -29.55
C GLY C 21 20.59 2.66 -29.20
N ASN C 22 20.93 3.02 -27.96
CA ASN C 22 22.32 3.06 -27.52
C ASN C 22 22.43 2.41 -26.15
N HIS C 23 23.63 1.93 -25.85
CA HIS C 23 23.91 1.24 -24.60
C HIS C 23 25.10 1.89 -23.90
N LEU C 24 25.38 1.44 -22.68
CA LEU C 24 26.59 1.83 -21.97
C LEU C 24 27.66 0.79 -22.23
N SER C 25 28.91 1.27 -22.37
CA SER C 25 30.01 0.34 -22.59
C SER C 25 30.19 -0.57 -21.37
N ALA C 26 30.35 0.02 -20.20
CA ALA C 26 30.45 -0.74 -18.96
C ALA C 26 29.97 0.13 -17.81
N ALA C 27 29.63 -0.53 -16.71
CA ALA C 27 29.11 0.17 -15.54
C ALA C 27 29.38 -0.69 -14.31
N ALA C 28 29.43 -0.03 -13.16
CA ALA C 28 29.75 -0.70 -11.90
C ALA C 28 29.33 0.17 -10.74
N ILE C 29 28.87 -0.48 -9.67
CA ILE C 29 28.60 0.18 -8.40
C ILE C 29 29.79 -0.05 -7.48
N ILE C 30 30.49 1.03 -7.14
CA ILE C 30 31.66 0.98 -6.27
C ILE C 30 31.37 1.84 -5.04
N GLY C 31 31.65 1.28 -3.86
CA GLY C 31 31.38 1.96 -2.63
C GLY C 31 32.30 3.15 -2.38
N GLN C 32 32.03 3.84 -1.27
CA GLN C 32 32.97 4.86 -0.80
C GLN C 32 34.22 4.21 -0.24
N ASP C 33 34.12 2.99 0.25
CA ASP C 33 35.29 2.13 0.34
C ASP C 33 35.67 1.68 -1.06
N GLY C 34 36.98 1.47 -1.27
CA GLY C 34 37.49 1.09 -2.57
C GLY C 34 36.81 -0.13 -3.17
N SER C 35 36.20 -0.97 -2.34
CA SER C 35 35.53 -2.17 -2.84
C SER C 35 34.36 -1.83 -3.75
N VAL C 36 34.19 -2.64 -4.80
CA VAL C 36 33.09 -2.47 -5.74
C VAL C 36 31.90 -3.29 -5.26
N TRP C 37 30.73 -2.65 -5.16
CA TRP C 37 29.55 -3.39 -4.71
C TRP C 37 28.97 -4.24 -5.83
N ALA C 38 29.06 -3.79 -7.07
CA ALA C 38 28.66 -4.57 -8.23
C ALA C 38 29.33 -3.97 -9.47
N GLN C 39 29.27 -4.72 -10.57
CA GLN C 39 30.05 -4.35 -11.75
C GLN C 39 29.52 -5.13 -12.95
N SER C 40 29.93 -4.70 -14.14
CA SER C 40 29.71 -5.41 -15.40
C SER C 40 30.98 -6.18 -15.79
N ALA C 41 30.91 -6.89 -16.92
CA ALA C 41 31.96 -7.85 -17.26
C ALA C 41 33.26 -7.16 -17.65
N ASN C 42 33.20 -6.18 -18.55
CA ASN C 42 34.38 -5.56 -19.12
C ASN C 42 34.81 -4.30 -18.38
N PHE C 43 34.17 -3.97 -17.27
CA PHE C 43 34.54 -2.78 -16.52
C PHE C 43 35.96 -2.93 -15.99
N PRO C 44 36.76 -1.86 -15.99
CA PRO C 44 38.18 -1.98 -15.64
C PRO C 44 38.39 -2.37 -14.19
N GLN C 45 39.63 -2.80 -13.91
CA GLN C 45 40.05 -3.17 -12.56
C GLN C 45 40.61 -1.91 -11.88
N PHE C 46 39.79 -1.30 -11.02
CA PHE C 46 40.15 -0.05 -10.37
C PHE C 46 41.32 -0.25 -9.42
N LYS C 47 41.85 0.88 -8.92
CA LYS C 47 42.90 0.89 -7.91
C LYS C 47 42.49 1.79 -6.76
N SER C 48 43.26 1.70 -5.66
CA SER C 48 42.88 2.37 -4.43
C SER C 48 42.99 3.88 -4.55
N GLU C 49 44.08 4.38 -5.12
CA GLU C 49 44.29 5.82 -5.22
C GLU C 49 43.22 6.49 -6.06
N GLU C 50 42.71 5.80 -7.08
CA GLU C 50 41.69 6.36 -7.95
C GLU C 50 40.42 6.71 -7.17
N ILE C 51 39.93 5.76 -6.36
CA ILE C 51 38.72 5.99 -5.58
C ILE C 51 38.93 7.14 -4.60
N THR C 52 40.07 7.13 -3.89
CA THR C 52 40.37 8.20 -2.95
C THR C 52 40.38 9.56 -3.63
N GLY C 53 40.87 9.62 -4.88
CA GLY C 53 40.91 10.89 -5.59
C GLY C 53 39.53 11.41 -5.93
N ILE C 54 38.63 10.52 -6.35
CA ILE C 54 37.26 10.94 -6.64
C ILE C 54 36.55 11.39 -5.37
N MET C 55 36.69 10.60 -4.30
CA MET C 55 36.01 10.92 -3.04
C MET C 55 36.47 12.26 -2.49
N SER C 56 37.75 12.58 -2.66
CA SER C 56 38.25 13.89 -2.25
C SER C 56 37.67 15.01 -3.12
N ASP C 57 37.36 14.71 -4.38
CA ASP C 57 36.72 15.72 -5.23
C ASP C 57 35.29 16.00 -4.77
N PHE C 58 34.63 15.02 -4.15
CA PHE C 58 33.28 15.26 -3.64
C PHE C 58 33.32 16.12 -2.39
N HIS C 59 34.28 15.86 -1.50
CA HIS C 59 34.37 16.65 -0.27
C HIS C 59 34.77 18.08 -0.57
N GLU C 60 35.58 18.30 -1.61
CA GLU C 60 35.99 19.64 -2.03
C GLU C 60 35.85 19.72 -3.54
N PRO C 61 34.77 20.32 -4.04
CA PRO C 61 34.53 20.32 -5.50
C PRO C 61 35.59 21.11 -6.25
N GLY C 62 36.19 20.46 -7.25
CA GLY C 62 37.16 21.09 -8.11
C GLY C 62 38.60 20.73 -7.87
N THR C 63 38.89 19.75 -7.02
CA THR C 63 40.26 19.37 -6.70
C THR C 63 40.78 18.22 -7.54
N LEU C 64 40.00 17.73 -8.49
CA LEU C 64 40.43 16.67 -9.38
C LEU C 64 40.58 17.13 -10.84
N ALA C 65 40.35 18.41 -11.10
CA ALA C 65 40.40 18.94 -12.47
C ALA C 65 41.84 19.22 -12.93
N PRO C 66 42.70 19.82 -12.11
CA PRO C 66 44.10 20.00 -12.56
C PRO C 66 44.81 18.69 -12.84
N THR C 67 44.50 17.62 -12.10
CA THR C 67 45.14 16.33 -12.33
C THR C 67 44.36 15.49 -13.35
N GLY C 68 43.05 15.34 -13.14
CA GLY C 68 42.22 14.56 -14.02
C GLY C 68 41.60 13.36 -13.32
N LEU C 69 40.63 12.77 -14.00
CA LEU C 69 39.90 11.61 -13.49
C LEU C 69 40.56 10.35 -14.04
N TYR C 70 41.20 9.59 -13.16
CA TYR C 70 41.93 8.39 -13.55
C TYR C 70 41.11 7.16 -13.15
N ILE C 71 40.34 6.64 -14.10
CA ILE C 71 39.53 5.44 -13.91
C ILE C 71 40.18 4.30 -14.69
N GLY C 72 40.60 3.27 -13.98
CA GLY C 72 41.26 2.15 -14.62
C GLY C 72 42.60 2.50 -15.22
N GLY C 73 43.27 3.52 -14.68
CA GLY C 73 44.53 3.99 -15.21
C GLY C 73 44.42 4.92 -16.40
N THR C 74 43.27 4.96 -17.07
CA THR C 74 43.07 5.83 -18.22
C THR C 74 42.54 7.18 -17.74
N LYS C 75 43.22 8.26 -18.14
CA LYS C 75 42.89 9.59 -17.64
C LYS C 75 41.75 10.21 -18.43
N TYR C 76 40.79 10.79 -17.72
CA TYR C 76 39.65 11.49 -18.30
C TYR C 76 39.67 12.95 -17.86
N MET C 77 39.37 13.85 -18.79
CA MET C 77 39.25 15.26 -18.43
C MET C 77 37.97 15.48 -17.62
N VAL C 78 38.11 16.22 -16.52
CA VAL C 78 37.04 16.34 -15.54
C VAL C 78 36.12 17.48 -15.96
N ILE C 79 34.94 17.13 -16.46
CA ILE C 79 33.88 18.11 -16.73
C ILE C 79 32.91 18.07 -15.57
N GLN C 80 33.38 18.43 -14.37
CA GLN C 80 32.59 18.37 -13.14
C GLN C 80 31.30 19.15 -13.28
N GLY C 81 30.18 18.47 -13.06
CA GLY C 81 28.86 19.03 -13.14
C GLY C 81 28.32 19.34 -11.75
N GLU C 82 27.50 18.45 -11.21
CA GLU C 82 26.88 18.71 -9.92
C GLU C 82 27.91 18.69 -8.80
N PRO C 83 28.06 19.77 -8.03
CA PRO C 83 29.11 19.82 -7.00
C PRO C 83 28.78 18.86 -5.86
N GLY C 84 29.66 17.88 -5.66
CA GLY C 84 29.45 16.88 -4.63
C GLY C 84 28.41 15.83 -4.98
N ALA C 85 27.72 15.95 -6.11
CA ALA C 85 26.72 14.98 -6.52
C ALA C 85 27.12 14.20 -7.76
N VAL C 86 27.63 14.86 -8.79
CA VAL C 86 27.94 14.22 -10.07
C VAL C 86 29.26 14.75 -10.59
N ILE C 87 30.16 13.82 -10.95
CA ILE C 87 31.42 14.14 -11.61
C ILE C 87 31.43 13.44 -12.96
N ARG C 88 31.88 14.14 -13.99
CA ARG C 88 31.89 13.62 -15.35
C ARG C 88 33.31 13.55 -15.89
N GLY C 89 33.45 12.98 -17.09
CA GLY C 89 34.75 12.82 -17.71
C GLY C 89 34.61 12.75 -19.21
N LYS C 90 35.67 13.18 -19.92
CA LYS C 90 35.65 13.29 -21.38
C LYS C 90 37.02 12.87 -21.93
N LYS C 91 37.18 11.58 -22.23
CA LYS C 91 38.40 11.11 -22.87
C LYS C 91 38.41 11.43 -24.36
N GLY C 92 37.30 11.16 -25.04
CA GLY C 92 37.19 11.44 -26.47
C GLY C 92 35.77 11.50 -26.97
N GLY C 94 34.65 8.65 -26.11
CA GLY C 94 34.29 8.02 -24.86
C GLY C 94 34.08 9.01 -23.71
N GLY C 95 33.68 8.49 -22.55
CA GLY C 95 33.45 9.35 -21.42
C GLY C 95 33.09 8.53 -20.19
N VAL C 96 32.77 9.24 -19.12
CA VAL C 96 32.44 8.59 -17.85
C VAL C 96 31.66 9.58 -17.01
N THR C 97 30.72 9.07 -16.20
CA THR C 97 29.96 9.86 -15.26
C THR C 97 29.90 9.12 -13.93
N VAL C 98 30.06 9.85 -12.83
CA VAL C 98 30.05 9.28 -11.49
C VAL C 98 29.00 10.01 -10.65
N LYS C 99 28.08 9.24 -10.07
CA LYS C 99 27.05 9.77 -9.20
C LYS C 99 27.32 9.33 -7.76
N LYS C 100 27.39 10.30 -6.86
CA LYS C 100 27.69 10.02 -5.46
C LYS C 100 26.39 9.68 -4.72
N THR C 101 26.32 8.47 -4.18
CA THR C 101 25.25 8.11 -3.26
C THR C 101 25.73 8.35 -1.82
N ASN C 102 24.88 8.00 -0.86
CA ASN C 102 25.24 8.21 0.54
C ASN C 102 26.36 7.29 0.99
N GLN C 103 26.43 6.08 0.43
CA GLN C 103 27.44 5.11 0.84
C GLN C 103 28.27 4.56 -0.30
N ALA C 104 27.94 4.86 -1.56
CA ALA C 104 28.63 4.27 -2.70
C ALA C 104 28.65 5.26 -3.85
N LEU C 105 29.22 4.82 -4.97
CA LEU C 105 29.31 5.60 -6.19
C LEU C 105 28.80 4.77 -7.36
N ILE C 106 28.10 5.41 -8.29
CA ILE C 106 27.56 4.77 -9.47
C ILE C 106 28.35 5.26 -10.67
N ILE C 107 29.09 4.37 -11.31
CA ILE C 107 30.00 4.72 -12.40
C ILE C 107 29.50 4.06 -13.68
N GLY C 108 29.31 4.87 -14.71
CA GLY C 108 28.92 4.37 -16.02
C GLY C 108 29.79 4.93 -17.12
N ILE C 109 30.39 4.05 -17.92
CA ILE C 109 31.33 4.45 -18.97
C ILE C 109 30.60 4.40 -20.31
N TYR C 110 30.49 5.56 -20.97
CA TYR C 110 29.81 5.66 -22.25
C TYR C 110 30.84 5.89 -23.36
N ASP C 111 30.58 5.27 -24.51
CA ASP C 111 31.38 5.47 -25.71
C ASP C 111 30.44 5.85 -26.86
N GLU C 112 31.02 6.35 -27.94
CA GLU C 112 30.25 6.70 -29.10
C GLU C 112 29.52 5.47 -29.64
N PRO C 113 28.30 5.61 -30.17
CA PRO C 113 27.58 6.86 -30.41
C PRO C 113 26.64 7.30 -29.29
N MET C 114 26.84 6.82 -28.07
CA MET C 114 25.95 7.18 -26.98
C MET C 114 26.15 8.64 -26.60
N THR C 115 25.08 9.43 -26.67
CA THR C 115 25.17 10.81 -26.24
C THR C 115 25.46 10.86 -24.74
N PRO C 116 26.29 11.81 -24.28
CA PRO C 116 26.64 11.85 -22.86
C PRO C 116 25.43 12.06 -21.94
N GLY C 117 24.40 12.76 -22.42
CA GLY C 117 23.21 12.94 -21.60
C GLY C 117 22.50 11.63 -21.29
N GLN C 118 22.61 10.66 -22.20
CA GLN C 118 22.01 9.34 -21.96
C GLN C 118 22.67 8.64 -20.80
N CYS C 119 24.02 8.58 -20.80
CA CYS C 119 24.74 7.95 -19.70
C CYS C 119 24.49 8.69 -18.39
N ASN C 120 24.18 9.98 -18.45
CA ASN C 120 23.96 10.75 -17.24
C ASN C 120 22.56 10.51 -16.67
N MET C 121 21.53 10.60 -17.51
CA MET C 121 20.17 10.32 -17.04
C MET C 121 20.08 8.93 -16.43
N ILE C 122 20.78 7.96 -17.01
CA ILE C 122 20.70 6.59 -16.53
C ILE C 122 21.44 6.44 -15.20
N VAL C 123 22.65 7.01 -15.11
CA VAL C 123 23.44 6.87 -13.90
C VAL C 123 22.86 7.72 -12.77
N GLU C 124 22.36 8.91 -13.09
CA GLU C 124 21.81 9.78 -12.06
C GLU C 124 20.53 9.23 -11.46
N ARG C 125 19.72 8.53 -12.26
CA ARG C 125 18.47 7.98 -11.73
C ARG C 125 18.73 6.83 -10.76
N LEU C 126 19.76 6.02 -11.02
CA LEU C 126 20.05 4.92 -10.11
C LEU C 126 20.60 5.44 -8.79
N GLY C 127 21.39 6.51 -8.82
CA GLY C 127 21.92 7.08 -7.60
C GLY C 127 20.83 7.65 -6.72
N ASP C 128 19.93 8.45 -7.30
CA ASP C 128 18.81 8.98 -6.55
C ASP C 128 17.94 7.86 -5.98
N TYR C 129 17.77 6.78 -6.74
CA TYR C 129 17.03 5.62 -6.24
C TYR C 129 17.68 5.07 -4.99
N LEU C 130 19.01 5.07 -4.93
CA LEU C 130 19.71 4.53 -3.76
C LEU C 130 19.82 5.56 -2.65
N ILE C 131 19.89 6.85 -2.99
CA ILE C 131 19.93 7.89 -1.96
C ILE C 131 18.62 7.91 -1.18
N ASP C 132 17.49 7.81 -1.88
CA ASP C 132 16.20 7.79 -1.23
C ASP C 132 15.90 6.47 -0.54
N GLN C 133 16.71 5.43 -0.75
CA GLN C 133 16.56 4.16 -0.07
C GLN C 133 17.59 3.93 1.02
N GLY C 134 18.43 4.93 1.30
CA GLY C 134 19.45 4.82 2.32
C GLY C 134 20.80 4.33 1.84
N TYR C 135 20.97 4.09 0.54
CA TYR C 135 22.23 3.57 0.02
C TYR C 135 22.96 4.61 -0.82
#